data_9G82
#
_entry.id   9G82
#
_cell.length_a   42.150
_cell.length_b   42.150
_cell.length_c   234.200
_cell.angle_alpha   90.000
_cell.angle_beta   90.000
_cell.angle_gamma   120.000
#
_symmetry.space_group_name_H-M   'P 32 2 1'
#
loop_
_entity.id
_entity.type
_entity.pdbx_description
1 polymer Beta-lactamase
2 non-polymer Piperacillin
3 non-polymer 'Hydrolyzed piperacillin'
4 non-polymer 'SULFATE ION'
5 water water
#
_entity_poly.entity_id   1
_entity_poly.type   'polypeptide(L)'
_entity_poly.pdbx_seq_one_letter_code
;MVTKRVQRMMFAAAACIPLLLGSAPLYAQTSAVQQKLAALEKSSGGRLGVALIDTADNTQVLYRGDERFPMCSTSKVMAA
AAVLKQSETQKQLLNQPVEIKPADLVNYNPIAEKHVNGTMTLAELSAAALQYSDNTAMNKLIAQLGGPGGVTAFARAIGD
ETFRLDRTEPTLNTAIPGDPRDTTTPRAMAQTLRQLTLGHALGETQRAQLVTWLKGNTTGAASIRAGLPTSWTVGDKTGS
GDYGTTNDIAVIWPQGRAPLVLVTYFTQPQQNAESRRDVLASAARIIAEGL
;
_entity_poly.pdbx_strand_id   A
#
loop_
_chem_comp.id
_chem_comp.type
_chem_comp.name
_chem_comp.formula
SO4 non-polymer 'SULFATE ION' 'O4 S -2'
WPP non-polymer Piperacillin 'C23 H27 N5 O7 S'
YPP non-polymer 'Hydrolyzed piperacillin' 'C23 H29 N5 O8 S'
#
# COMPACT_ATOMS: atom_id res chain seq x y z
N SER A 31 15.46 -13.21 -17.58
CA SER A 31 14.51 -13.17 -18.68
C SER A 31 14.55 -11.81 -19.39
N ALA A 32 13.61 -11.61 -20.32
CA ALA A 32 13.56 -10.35 -21.05
C ALA A 32 13.08 -9.20 -20.16
N VAL A 33 12.02 -9.45 -19.38
N VAL A 33 12.02 -9.44 -19.39
CA VAL A 33 11.46 -8.38 -18.56
CA VAL A 33 11.46 -8.38 -18.55
C VAL A 33 12.40 -7.97 -17.44
C VAL A 33 12.46 -7.95 -17.49
N GLN A 34 13.23 -8.90 -16.95
CA GLN A 34 14.15 -8.57 -15.88
C GLN A 34 15.33 -7.74 -16.36
N GLN A 35 15.76 -7.94 -17.61
CA GLN A 35 16.81 -7.08 -18.15
C GLN A 35 16.28 -5.66 -18.36
N LYS A 36 15.03 -5.52 -18.79
CA LYS A 36 14.46 -4.20 -18.98
C LYS A 36 14.24 -3.50 -17.64
N LEU A 37 13.85 -4.25 -16.61
CA LEU A 37 13.72 -3.66 -15.29
C LEU A 37 15.08 -3.23 -14.74
N ALA A 38 16.11 -4.07 -14.94
CA ALA A 38 17.45 -3.70 -14.51
C ALA A 38 17.92 -2.44 -15.22
N ALA A 39 17.63 -2.32 -16.53
CA ALA A 39 18.01 -1.11 -17.26
C ALA A 39 17.27 0.10 -16.73
N LEU A 40 15.97 -0.04 -16.48
CA LEU A 40 15.19 1.06 -15.91
C LEU A 40 15.78 1.51 -14.58
N GLU A 41 16.11 0.54 -13.71
CA GLU A 41 16.71 0.88 -12.43
C GLU A 41 18.01 1.66 -12.63
N LYS A 42 18.86 1.18 -13.53
CA LYS A 42 20.16 1.83 -13.76
C LYS A 42 19.96 3.26 -14.24
N SER A 43 18.95 3.50 -15.10
CA SER A 43 18.74 4.84 -15.62
C SER A 43 18.19 5.78 -14.57
N SER A 44 17.61 5.25 -13.49
CA SER A 44 16.93 6.04 -12.48
C SER A 44 17.83 6.46 -11.33
N GLY A 45 18.95 5.78 -11.13
CA GLY A 45 19.83 6.10 -10.03
C GLY A 45 19.37 5.61 -8.67
N GLY A 46 18.28 4.86 -8.61
CA GLY A 46 17.78 4.38 -7.33
C GLY A 46 17.74 2.87 -7.24
N ARG A 47 16.95 2.36 -6.30
CA ARG A 47 16.79 0.93 -6.08
C ARG A 47 15.33 0.59 -6.29
N LEU A 48 15.06 -0.35 -7.19
CA LEU A 48 13.72 -0.70 -7.63
C LEU A 48 13.41 -2.12 -7.19
N GLY A 49 12.22 -2.31 -6.63
CA GLY A 49 11.75 -3.63 -6.26
C GLY A 49 10.39 -3.89 -6.88
N VAL A 50 10.24 -5.01 -7.58
CA VAL A 50 9.03 -5.34 -8.31
C VAL A 50 8.63 -6.77 -7.98
N ALA A 51 7.33 -6.99 -7.77
CA ALA A 51 6.79 -8.34 -7.71
C ALA A 51 5.45 -8.34 -8.41
N LEU A 52 5.29 -9.27 -9.36
CA LEU A 52 4.05 -9.48 -10.07
C LEU A 52 3.58 -10.91 -9.80
N ILE A 53 2.30 -11.05 -9.47
CA ILE A 53 1.65 -12.37 -9.43
C ILE A 53 0.58 -12.38 -10.51
N ASP A 54 0.72 -13.29 -11.47
CA ASP A 54 -0.29 -13.54 -12.47
C ASP A 54 -1.17 -14.68 -11.96
N THR A 55 -2.40 -14.36 -11.56
CA THR A 55 -3.27 -15.38 -10.96
C THR A 55 -3.77 -16.39 -11.97
N ALA A 56 -3.49 -16.20 -13.26
CA ALA A 56 -3.94 -17.16 -14.26
C ALA A 56 -3.26 -18.51 -14.08
N ASP A 57 -1.96 -18.52 -13.79
CA ASP A 57 -1.25 -19.76 -13.52
C ASP A 57 -0.33 -19.64 -12.30
N ASN A 58 -0.53 -18.62 -11.47
CA ASN A 58 0.25 -18.40 -10.26
C ASN A 58 1.73 -18.18 -10.54
N THR A 59 2.08 -17.78 -11.75
CA THR A 59 3.47 -17.43 -12.03
C THR A 59 3.80 -16.08 -11.41
N GLN A 60 5.08 -15.88 -11.12
CA GLN A 60 5.56 -14.66 -10.50
C GLN A 60 6.72 -14.09 -11.31
N VAL A 61 6.83 -12.77 -11.27
CA VAL A 61 7.98 -12.06 -11.81
C VAL A 61 8.52 -11.19 -10.68
N LEU A 62 9.79 -11.36 -10.34
CA LEU A 62 10.38 -10.69 -9.20
C LEU A 62 11.63 -9.94 -9.63
N TYR A 63 11.78 -8.73 -9.12
CA TYR A 63 13.02 -7.97 -9.24
C TYR A 63 13.35 -7.40 -7.88
N ARG A 64 14.48 -7.82 -7.32
CA ARG A 64 14.80 -7.55 -5.91
C ARG A 64 13.61 -7.93 -5.03
N GLY A 65 13.03 -9.09 -5.32
CA GLY A 65 11.80 -9.49 -4.67
C GLY A 65 11.94 -9.78 -3.19
N ASP A 66 13.15 -10.09 -2.72
CA ASP A 66 13.37 -10.43 -1.32
C ASP A 66 14.19 -9.36 -0.57
N GLU A 67 14.35 -8.18 -1.16
CA GLU A 67 15.00 -7.09 -0.46
C GLU A 67 13.95 -6.25 0.26
N ARG A 68 14.34 -5.70 1.41
N ARG A 68 14.36 -5.69 1.40
CA ARG A 68 13.42 -4.88 2.18
CA ARG A 68 13.47 -4.86 2.20
C ARG A 68 13.38 -3.46 1.67
C ARG A 68 13.38 -3.45 1.63
N PHE A 69 12.18 -2.90 1.62
CA PHE A 69 11.92 -1.53 1.20
C PHE A 69 11.04 -0.85 2.23
N PRO A 70 11.22 0.46 2.43
CA PRO A 70 10.30 1.19 3.30
C PRO A 70 8.92 1.22 2.68
N MET A 71 7.91 0.84 3.47
CA MET A 71 6.56 0.77 2.96
C MET A 71 5.91 2.12 2.77
N CYS A 72 6.24 3.07 3.65
CA CYS A 72 5.53 4.34 3.72
C CYS A 72 4.02 4.10 3.70
N SER A 73 3.27 4.88 2.92
N SER A 73 3.29 4.87 2.89
CA SER A 73 1.82 4.81 3.05
CA SER A 73 1.83 4.86 2.95
C SER A 73 1.21 3.53 2.52
C SER A 73 1.22 3.54 2.52
N THR A 74 1.97 2.67 1.82
CA THR A 74 1.41 1.39 1.41
C THR A 74 1.04 0.53 2.61
N SER A 75 1.60 0.83 3.78
CA SER A 75 1.24 0.09 5.01
C SER A 75 -0.21 0.30 5.40
N LYS A 76 -0.86 1.35 4.88
N LYS A 76 -0.86 1.35 4.88
CA LYS A 76 -2.23 1.63 5.29
CA LYS A 76 -2.24 1.65 5.27
C LYS A 76 -3.19 0.53 4.87
C LYS A 76 -3.22 0.59 4.80
N VAL A 77 -2.85 -0.23 3.82
CA VAL A 77 -3.72 -1.33 3.41
C VAL A 77 -3.82 -2.37 4.52
N MET A 78 -2.71 -2.62 5.22
N MET A 78 -2.71 -2.61 5.24
CA MET A 78 -2.71 -3.63 6.28
CA MET A 78 -2.72 -3.63 6.29
C MET A 78 -3.51 -3.16 7.50
C MET A 78 -3.51 -3.16 7.50
N ALA A 79 -3.43 -1.86 7.82
CA ALA A 79 -4.21 -1.34 8.93
C ALA A 79 -5.70 -1.41 8.64
N ALA A 80 -6.10 -1.04 7.41
CA ALA A 80 -7.51 -1.10 7.05
C ALA A 80 -8.02 -2.54 7.02
N ALA A 81 -7.21 -3.45 6.48
CA ALA A 81 -7.61 -4.86 6.44
C ALA A 81 -7.73 -5.44 7.84
N ALA A 82 -6.84 -5.02 8.75
CA ALA A 82 -6.91 -5.53 10.12
C ALA A 82 -8.20 -5.13 10.80
N VAL A 83 -8.65 -3.88 10.58
CA VAL A 83 -9.92 -3.44 11.15
C VAL A 83 -11.08 -4.18 10.49
N LEU A 84 -11.00 -4.41 9.18
CA LEU A 84 -12.03 -5.19 8.51
C LEU A 84 -12.14 -6.59 9.11
N LYS A 85 -11.00 -7.21 9.41
CA LYS A 85 -11.01 -8.54 10.02
C LYS A 85 -11.73 -8.51 11.38
N GLN A 86 -11.51 -7.44 12.15
CA GLN A 86 -12.20 -7.32 13.43
C GLN A 86 -13.71 -7.24 13.24
N SER A 87 -14.16 -6.59 12.17
CA SER A 87 -15.59 -6.42 11.93
C SER A 87 -16.30 -7.71 11.54
N GLU A 88 -15.55 -8.79 11.27
CA GLU A 88 -16.22 -10.07 11.00
C GLU A 88 -16.90 -10.59 12.26
N THR A 89 -16.38 -10.24 13.44
CA THR A 89 -16.98 -10.61 14.71
C THR A 89 -17.77 -9.47 15.34
N GLN A 90 -17.24 -8.25 15.31
CA GLN A 90 -17.96 -7.07 15.78
C GLN A 90 -18.68 -6.46 14.57
N LYS A 91 -19.93 -6.87 14.36
CA LYS A 91 -20.60 -6.59 13.09
C LYS A 91 -20.82 -5.11 12.86
N GLN A 92 -20.95 -4.32 13.93
CA GLN A 92 -21.21 -2.89 13.81
C GLN A 92 -19.95 -2.05 13.98
N LEU A 93 -18.77 -2.68 14.02
CA LEU A 93 -17.54 -1.95 14.30
C LEU A 93 -17.32 -0.81 13.30
N LEU A 94 -17.62 -1.05 12.03
CA LEU A 94 -17.32 -0.05 11.01
C LEU A 94 -18.14 1.21 11.18
N ASN A 95 -19.28 1.15 11.85
CA ASN A 95 -20.12 2.32 12.08
C ASN A 95 -19.80 3.03 13.39
N GLN A 96 -18.79 2.56 14.11
CA GLN A 96 -18.47 3.14 15.42
C GLN A 96 -17.89 4.53 15.24
N PRO A 97 -18.44 5.56 15.90
CA PRO A 97 -17.88 6.90 15.74
C PRO A 97 -16.57 7.05 16.49
N VAL A 98 -15.62 7.75 15.87
CA VAL A 98 -14.34 8.06 16.49
C VAL A 98 -14.16 9.57 16.40
N GLU A 99 -13.80 10.19 17.53
N GLU A 99 -13.83 10.20 17.53
CA GLU A 99 -13.68 11.63 17.62
CA GLU A 99 -13.74 11.64 17.57
C GLU A 99 -12.36 12.10 17.02
C GLU A 99 -12.39 12.12 17.04
N ILE A 100 -12.41 13.23 16.31
CA ILE A 100 -11.23 13.84 15.72
C ILE A 100 -10.95 15.12 16.49
N LYS A 101 -9.85 15.14 17.23
N LYS A 101 -9.85 15.15 17.22
CA LYS A 101 -9.44 16.29 18.02
CA LYS A 101 -9.43 16.30 18.00
C LYS A 101 -8.29 17.02 17.33
C LYS A 101 -8.31 17.04 17.30
N PRO A 102 -8.15 18.34 17.58
CA PRO A 102 -7.02 19.07 16.97
C PRO A 102 -5.66 18.46 17.29
N ALA A 103 -5.51 17.85 18.46
CA ALA A 103 -4.24 17.22 18.81
C ALA A 103 -3.99 15.94 18.00
N ASP A 104 -5.02 15.38 17.37
CA ASP A 104 -4.85 14.18 16.55
C ASP A 104 -4.24 14.47 15.19
N LEU A 105 -4.31 15.71 14.73
CA LEU A 105 -3.86 16.03 13.38
C LEU A 105 -2.35 15.96 13.28
N VAL A 106 -1.88 15.37 12.19
CA VAL A 106 -0.44 15.32 11.94
C VAL A 106 -0.13 16.13 10.69
N ASN A 107 0.75 15.63 9.83
CA ASN A 107 1.29 16.43 8.75
C ASN A 107 0.39 16.47 7.51
N TYR A 108 -0.38 15.42 7.26
CA TYR A 108 -1.17 15.34 6.03
C TYR A 108 -2.52 14.69 6.36
N ASN A 109 -3.55 15.52 6.51
CA ASN A 109 -4.87 15.06 6.94
C ASN A 109 -5.95 15.72 6.09
N PRO A 110 -5.98 15.42 4.79
CA PRO A 110 -6.96 16.11 3.92
C PRO A 110 -8.40 15.85 4.29
N ILE A 111 -8.73 14.65 4.77
CA ILE A 111 -10.12 14.36 5.14
C ILE A 111 -10.37 14.64 6.62
N ALA A 112 -9.48 14.18 7.50
CA ALA A 112 -9.68 14.35 8.93
C ALA A 112 -9.82 15.82 9.31
N GLU A 113 -9.14 16.71 8.57
CA GLU A 113 -9.26 18.14 8.87
C GLU A 113 -10.67 18.67 8.64
N LYS A 114 -11.42 18.03 7.74
CA LYS A 114 -12.80 18.44 7.49
C LYS A 114 -13.74 18.02 8.60
N HIS A 115 -13.26 17.28 9.59
CA HIS A 115 -14.10 16.74 10.65
C HIS A 115 -13.51 16.96 12.03
N VAL A 116 -12.61 17.93 12.19
N VAL A 116 -12.62 17.94 12.17
CA VAL A 116 -12.02 18.18 13.50
CA VAL A 116 -12.05 18.27 13.48
C VAL A 116 -13.11 18.69 14.44
C VAL A 116 -13.16 18.69 14.43
N ASN A 117 -13.05 18.25 15.70
CA ASN A 117 -14.07 18.49 16.71
C ASN A 117 -15.41 17.86 16.30
N GLY A 118 -15.34 16.83 15.46
CA GLY A 118 -16.49 16.02 15.11
C GLY A 118 -16.07 14.57 15.14
N THR A 119 -16.89 13.68 14.59
CA THR A 119 -16.52 12.28 14.54
C THR A 119 -16.45 11.80 13.10
N MET A 120 -15.71 10.72 12.92
CA MET A 120 -15.72 9.93 11.70
C MET A 120 -15.88 8.47 12.11
N THR A 121 -16.65 7.71 11.34
CA THR A 121 -16.74 6.29 11.64
C THR A 121 -15.46 5.58 11.23
N LEU A 122 -15.29 4.37 11.74
CA LEU A 122 -14.13 3.58 11.33
C LEU A 122 -14.17 3.26 9.84
N ALA A 123 -15.36 3.16 9.26
CA ALA A 123 -15.47 3.01 7.81
C ALA A 123 -14.94 4.24 7.10
N GLU A 124 -15.33 5.42 7.56
CA GLU A 124 -14.88 6.66 6.93
C GLU A 124 -13.37 6.86 7.12
N LEU A 125 -12.85 6.49 8.29
CA LEU A 125 -11.41 6.60 8.51
C LEU A 125 -10.63 5.63 7.63
N SER A 126 -11.15 4.41 7.45
CA SER A 126 -10.49 3.44 6.58
C SER A 126 -10.47 3.94 5.13
N ALA A 127 -11.60 4.46 4.66
CA ALA A 127 -11.67 5.01 3.31
C ALA A 127 -10.74 6.21 3.17
N ALA A 128 -10.67 7.07 4.19
CA ALA A 128 -9.78 8.22 4.12
C ALA A 128 -8.33 7.78 4.07
N ALA A 129 -7.96 6.82 4.92
CA ALA A 129 -6.59 6.32 4.91
C ALA A 129 -6.23 5.75 3.56
N LEU A 130 -7.14 5.00 2.94
CA LEU A 130 -6.81 4.31 1.69
C LEU A 130 -6.91 5.23 0.48
N GLN A 131 -8.01 5.99 0.37
CA GLN A 131 -8.28 6.70 -0.88
C GLN A 131 -7.63 8.07 -0.95
N TYR A 132 -7.35 8.67 0.20
CA TYR A 132 -6.68 9.97 0.25
C TYR A 132 -5.36 9.94 0.99
N SER A 133 -4.94 8.77 1.51
CA SER A 133 -3.67 8.62 2.22
C SER A 133 -3.62 9.52 3.45
N ASP A 134 -4.75 9.65 4.14
CA ASP A 134 -4.86 10.52 5.30
C ASP A 134 -4.08 9.93 6.47
N ASN A 135 -3.14 10.71 7.03
CA ASN A 135 -2.27 10.18 8.08
C ASN A 135 -2.94 10.16 9.44
N THR A 136 -3.80 11.12 9.73
CA THR A 136 -4.59 11.05 10.97
C THR A 136 -5.48 9.82 10.98
N ALA A 137 -6.12 9.52 9.84
CA ALA A 137 -6.94 8.33 9.73
C ALA A 137 -6.13 7.06 10.00
N MET A 138 -4.91 7.00 9.45
CA MET A 138 -4.04 5.85 9.74
C MET A 138 -3.77 5.73 11.23
N ASN A 139 -3.42 6.83 11.88
CA ASN A 139 -3.09 6.77 13.30
C ASN A 139 -4.28 6.33 14.14
N LYS A 140 -5.50 6.68 13.72
CA LYS A 140 -6.67 6.20 14.44
C LYS A 140 -6.87 4.71 14.23
N LEU A 141 -6.63 4.22 13.02
CA LEU A 141 -6.70 2.79 12.76
C LEU A 141 -5.67 2.02 13.59
N ILE A 142 -4.45 2.55 13.68
CA ILE A 142 -3.44 1.90 14.50
C ILE A 142 -3.87 1.86 15.96
N ALA A 143 -4.44 2.95 16.45
CA ALA A 143 -4.90 2.99 17.84
C ALA A 143 -6.00 1.98 18.08
N GLN A 144 -6.90 1.82 17.11
CA GLN A 144 -7.97 0.82 17.23
C GLN A 144 -7.42 -0.59 17.36
N LEU A 145 -6.30 -0.88 16.71
CA LEU A 145 -5.68 -2.18 16.76
C LEU A 145 -4.72 -2.35 17.94
N GLY A 146 -4.62 -1.35 18.81
CA GLY A 146 -3.75 -1.47 19.97
C GLY A 146 -2.30 -1.15 19.72
N GLY A 147 -1.99 -0.38 18.69
CA GLY A 147 -0.63 0.00 18.40
C GLY A 147 -0.08 -0.68 17.16
N PRO A 148 1.12 -0.26 16.73
CA PRO A 148 1.73 -0.90 15.55
C PRO A 148 1.87 -2.40 15.70
N GLY A 149 2.09 -2.88 16.93
CA GLY A 149 2.17 -4.32 17.15
C GLY A 149 0.90 -5.03 16.78
N GLY A 150 -0.25 -4.35 16.87
CA GLY A 150 -1.51 -4.97 16.47
C GLY A 150 -1.68 -5.08 14.97
N VAL A 151 -1.14 -4.11 14.22
CA VAL A 151 -1.15 -4.22 12.76
C VAL A 151 -0.24 -5.36 12.32
N THR A 152 0.97 -5.39 12.88
CA THR A 152 1.91 -6.46 12.55
C THR A 152 1.33 -7.82 12.88
N ALA A 153 0.61 -7.91 14.00
CA ALA A 153 0.00 -9.18 14.40
C ALA A 153 -0.94 -9.71 13.33
N PHE A 154 -1.74 -8.82 12.73
CA PHE A 154 -2.65 -9.25 11.68
C PHE A 154 -1.89 -9.82 10.50
N ALA A 155 -0.79 -9.19 10.10
CA ALA A 155 0.05 -9.74 9.05
C ALA A 155 0.49 -11.16 9.38
N ARG A 156 0.98 -11.38 10.60
CA ARG A 156 1.40 -12.72 10.98
C ARG A 156 0.23 -13.70 10.92
N ALA A 157 -0.97 -13.24 11.30
CA ALA A 157 -2.12 -14.15 11.37
C ALA A 157 -2.53 -14.63 9.98
N ILE A 158 -2.24 -13.85 8.93
CA ILE A 158 -2.57 -14.29 7.57
C ILE A 158 -1.36 -14.87 6.85
N GLY A 159 -0.26 -15.12 7.57
CA GLY A 159 0.87 -15.81 6.99
C GLY A 159 2.00 -14.93 6.48
N ASP A 160 1.94 -13.63 6.72
CA ASP A 160 2.98 -12.69 6.31
C ASP A 160 3.97 -12.56 7.47
N GLU A 161 5.13 -13.19 7.34
CA GLU A 161 6.17 -13.13 8.37
C GLU A 161 7.21 -12.06 8.07
N THR A 162 7.01 -11.26 7.02
CA THR A 162 7.99 -10.27 6.58
C THR A 162 7.59 -8.85 6.96
N PHE A 163 6.32 -8.51 6.75
CA PHE A 163 5.76 -7.21 7.12
C PHE A 163 6.10 -6.86 8.56
N ARG A 164 6.57 -5.63 8.78
CA ARG A 164 6.66 -5.14 10.15
C ARG A 164 6.29 -3.66 10.16
N LEU A 165 5.36 -3.30 11.04
CA LEU A 165 5.04 -1.91 11.31
C LEU A 165 5.57 -1.61 12.70
N ASP A 166 6.40 -0.59 12.81
CA ASP A 166 7.06 -0.24 14.05
C ASP A 166 6.67 1.12 14.60
N ARG A 167 6.25 2.04 13.75
CA ARG A 167 6.00 3.41 14.18
C ARG A 167 4.64 3.86 13.65
N THR A 168 4.20 5.01 14.16
CA THR A 168 2.98 5.65 13.70
C THR A 168 3.32 6.72 12.67
N GLU A 169 2.29 7.37 12.15
CA GLU A 169 2.49 8.51 11.26
C GLU A 169 2.88 9.74 12.08
N PRO A 170 3.79 10.58 11.58
CA PRO A 170 4.43 10.50 10.27
C PRO A 170 5.84 9.89 10.27
N THR A 171 6.34 9.43 11.42
CA THR A 171 7.73 9.01 11.46
C THR A 171 7.97 7.67 10.76
N LEU A 172 6.92 6.90 10.48
CA LEU A 172 7.16 5.64 9.77
C LEU A 172 7.66 5.87 8.35
N ASN A 173 7.72 7.11 7.88
CA ASN A 173 8.13 7.43 6.52
C ASN A 173 9.57 7.89 6.41
N THR A 174 10.40 7.71 7.45
CA THR A 174 11.77 8.22 7.39
C THR A 174 12.59 7.51 6.32
N ALA A 175 12.29 6.24 6.04
CA ALA A 175 12.87 5.50 4.91
C ALA A 175 14.41 5.53 4.91
N ILE A 176 14.99 5.39 6.10
CA ILE A 176 16.46 5.47 6.22
C ILE A 176 17.09 4.21 5.63
N PRO A 177 18.11 4.34 4.78
CA PRO A 177 18.71 3.14 4.17
C PRO A 177 19.23 2.17 5.22
N GLY A 178 18.84 0.91 5.07
CA GLY A 178 19.28 -0.14 5.97
C GLY A 178 18.44 -0.31 7.21
N ASP A 179 17.59 0.65 7.53
CA ASP A 179 16.73 0.56 8.71
C ASP A 179 15.62 -0.46 8.45
N PRO A 180 15.51 -1.53 9.24
CA PRO A 180 14.45 -2.52 8.98
C PRO A 180 13.06 -2.08 9.42
N ARG A 181 12.95 -1.01 10.19
CA ARG A 181 11.64 -0.60 10.71
C ARG A 181 10.71 -0.24 9.56
N ASP A 182 9.44 -0.68 9.68
CA ASP A 182 8.40 -0.26 8.75
C ASP A 182 8.73 -0.63 7.31
N THR A 183 9.22 -1.86 7.13
CA THR A 183 9.58 -2.38 5.81
C THR A 183 8.85 -3.67 5.52
N THR A 184 8.83 -4.01 4.24
CA THR A 184 8.47 -5.35 3.82
C THR A 184 9.25 -5.62 2.53
N THR A 185 9.05 -6.80 1.94
CA THR A 185 9.66 -7.08 0.66
C THR A 185 8.60 -7.09 -0.43
N PRO A 186 8.98 -6.84 -1.68
CA PRO A 186 7.97 -6.90 -2.75
C PRO A 186 7.26 -8.23 -2.83
N ARG A 187 7.98 -9.35 -2.70
CA ARG A 187 7.35 -10.65 -2.79
C ARG A 187 6.29 -10.83 -1.71
N ALA A 188 6.63 -10.49 -0.46
CA ALA A 188 5.69 -10.68 0.63
C ALA A 188 4.45 -9.81 0.47
N MET A 189 4.63 -8.55 0.05
N MET A 189 4.63 -8.56 0.05
CA MET A 189 3.48 -7.66 -0.07
CA MET A 189 3.51 -7.64 -0.08
C MET A 189 2.57 -8.08 -1.22
C MET A 189 2.58 -8.07 -1.22
N ALA A 190 3.15 -8.59 -2.31
CA ALA A 190 2.34 -9.07 -3.42
C ALA A 190 1.48 -10.25 -3.00
N GLN A 191 2.08 -11.21 -2.27
CA GLN A 191 1.32 -12.37 -1.84
C GLN A 191 0.24 -11.97 -0.84
N THR A 192 0.57 -11.06 0.08
CA THR A 192 -0.41 -10.63 1.06
C THR A 192 -1.54 -9.85 0.40
N LEU A 193 -1.22 -8.95 -0.54
CA LEU A 193 -2.26 -8.20 -1.21
C LEU A 193 -3.17 -9.13 -2.01
N ARG A 194 -2.58 -10.17 -2.61
N ARG A 194 -2.60 -10.18 -2.60
CA ARG A 194 -3.37 -11.17 -3.34
CA ARG A 194 -3.42 -11.16 -3.30
C ARG A 194 -4.38 -11.83 -2.41
C ARG A 194 -4.40 -11.83 -2.33
N GLN A 195 -3.94 -12.22 -1.21
N GLN A 195 -3.90 -12.27 -1.17
CA GLN A 195 -4.83 -12.92 -0.29
CA GLN A 195 -4.77 -12.91 -0.19
C GLN A 195 -5.93 -12.00 0.24
C GLN A 195 -5.91 -12.00 0.23
N LEU A 196 -5.62 -10.73 0.45
CA LEU A 196 -6.61 -9.80 0.98
C LEU A 196 -7.70 -9.48 -0.03
N THR A 197 -7.34 -9.35 -1.32
CA THR A 197 -8.26 -8.85 -2.33
C THR A 197 -8.84 -9.95 -3.21
N LEU A 198 -8.06 -10.97 -3.55
CA LEU A 198 -8.52 -12.04 -4.40
C LEU A 198 -8.68 -13.36 -3.67
N GLY A 199 -8.01 -13.51 -2.53
CA GLY A 199 -8.12 -14.69 -1.70
C GLY A 199 -9.19 -14.55 -0.65
N HIS A 200 -9.08 -15.36 0.40
CA HIS A 200 -10.12 -15.44 1.40
C HIS A 200 -9.56 -15.20 2.80
N ALA A 201 -8.55 -14.32 2.89
CA ALA A 201 -8.07 -13.87 4.19
C ALA A 201 -9.13 -13.08 4.93
N LEU A 202 -10.03 -12.42 4.21
CA LEU A 202 -11.15 -11.70 4.79
C LEU A 202 -12.47 -12.36 4.37
N GLY A 203 -13.50 -12.11 5.18
CA GLY A 203 -14.84 -12.51 4.81
C GLY A 203 -15.27 -11.86 3.51
N GLU A 204 -16.34 -12.41 2.93
N GLU A 204 -16.36 -12.38 2.95
CA GLU A 204 -16.79 -11.96 1.61
CA GLU A 204 -16.78 -11.96 1.61
C GLU A 204 -17.13 -10.47 1.61
C GLU A 204 -17.17 -10.49 1.58
N THR A 205 -17.93 -10.04 2.59
CA THR A 205 -18.33 -8.63 2.62
CA THR A 205 -18.33 -8.63 2.64
C THR A 205 -17.12 -7.72 2.87
N GLN A 206 -16.20 -8.15 3.73
CA GLN A 206 -15.02 -7.34 4.00
C GLN A 206 -14.10 -7.25 2.79
N ARG A 207 -13.93 -8.37 2.08
CA ARG A 207 -13.09 -8.37 0.89
C ARG A 207 -13.65 -7.45 -0.18
N ALA A 208 -14.96 -7.50 -0.41
CA ALA A 208 -15.58 -6.61 -1.40
C ALA A 208 -15.41 -5.15 -1.00
N GLN A 209 -15.54 -4.86 0.30
CA GLN A 209 -15.35 -3.50 0.78
C GLN A 209 -13.92 -3.02 0.54
N LEU A 210 -12.94 -3.89 0.79
CA LEU A 210 -11.55 -3.51 0.56
C LEU A 210 -11.30 -3.24 -0.92
N VAL A 211 -11.82 -4.11 -1.80
CA VAL A 211 -11.64 -3.93 -3.23
C VAL A 211 -12.28 -2.63 -3.69
N THR A 212 -13.50 -2.35 -3.21
CA THR A 212 -14.18 -1.10 -3.56
C THR A 212 -13.35 0.12 -3.15
N TRP A 213 -12.79 0.09 -1.95
CA TRP A 213 -11.97 1.21 -1.48
C TRP A 213 -10.73 1.40 -2.37
N LEU A 214 -10.01 0.32 -2.66
CA LEU A 214 -8.82 0.41 -3.49
C LEU A 214 -9.14 0.96 -4.88
N LYS A 215 -10.24 0.49 -5.47
CA LYS A 215 -10.63 0.97 -6.80
C LYS A 215 -10.93 2.46 -6.81
N GLY A 216 -11.30 3.03 -5.67
CA GLY A 216 -11.61 4.44 -5.61
C GLY A 216 -10.46 5.29 -5.10
N ASN A 217 -9.24 4.75 -5.13
CA ASN A 217 -8.07 5.53 -4.75
C ASN A 217 -7.95 6.76 -5.64
N THR A 218 -7.57 7.89 -5.02
CA THR A 218 -7.48 9.15 -5.75
C THR A 218 -6.04 9.59 -6.02
N THR A 219 -5.04 8.90 -5.48
CA THR A 219 -3.65 9.36 -5.53
C THR A 219 -2.80 8.61 -6.54
N GLY A 220 -3.35 7.69 -7.32
CA GLY A 220 -2.53 6.78 -8.10
C GLY A 220 -2.43 7.06 -9.58
N ALA A 221 -2.89 8.23 -10.06
CA ALA A 221 -3.04 8.44 -11.49
C ALA A 221 -1.70 8.46 -12.22
N ALA A 222 -0.61 8.83 -11.54
CA ALA A 222 0.68 8.96 -12.19
C ALA A 222 1.63 7.81 -11.88
N SER A 223 1.18 6.79 -11.16
CA SER A 223 2.03 5.68 -10.75
C SER A 223 1.69 4.46 -11.62
N ILE A 224 1.40 3.29 -11.05
CA ILE A 224 1.20 2.08 -11.85
C ILE A 224 0.14 2.29 -12.92
N ARG A 225 -0.94 3.01 -12.58
CA ARG A 225 -2.03 3.24 -13.53
C ARG A 225 -1.54 3.88 -14.82
N ALA A 226 -0.54 4.75 -14.72
CA ALA A 226 -0.09 5.50 -15.89
C ALA A 226 0.66 4.62 -16.89
N GLY A 227 1.12 3.44 -16.48
CA GLY A 227 1.81 2.54 -17.37
C GLY A 227 0.97 1.43 -17.95
N LEU A 228 -0.33 1.42 -17.69
CA LEU A 228 -1.21 0.32 -18.07
C LEU A 228 -2.27 0.80 -19.05
N PRO A 229 -2.81 -0.11 -19.88
CA PRO A 229 -3.88 0.27 -20.79
C PRO A 229 -5.06 0.89 -20.05
N THR A 230 -5.65 1.92 -20.65
CA THR A 230 -6.71 2.68 -19.98
C THR A 230 -7.96 1.85 -19.73
N SER A 231 -8.15 0.74 -20.46
CA SER A 231 -9.32 -0.09 -20.26
C SER A 231 -9.21 -1.00 -19.04
N TRP A 232 -8.00 -1.19 -18.51
CA TRP A 232 -7.81 -2.05 -17.36
C TRP A 232 -8.27 -1.37 -16.08
N THR A 233 -8.96 -2.13 -15.23
CA THR A 233 -9.41 -1.63 -13.94
C THR A 233 -8.33 -1.89 -12.90
N VAL A 234 -7.98 -0.86 -12.14
CA VAL A 234 -6.90 -0.93 -11.16
C VAL A 234 -7.42 -0.46 -9.81
N GLY A 235 -7.03 -1.18 -8.76
CA GLY A 235 -7.15 -0.68 -7.39
C GLY A 235 -5.76 -0.64 -6.80
N ASP A 236 -5.36 0.48 -6.22
CA ASP A 236 -3.98 0.63 -5.78
C ASP A 236 -3.91 1.47 -4.52
N LYS A 237 -2.74 1.40 -3.86
CA LYS A 237 -2.39 2.29 -2.77
C LYS A 237 -0.96 2.76 -3.00
N THR A 238 -0.78 4.08 -3.11
CA THR A 238 0.53 4.67 -3.29
C THR A 238 1.22 4.86 -1.94
N GLY A 239 2.49 5.20 -2.00
CA GLY A 239 3.24 5.58 -0.81
C GLY A 239 4.43 6.41 -1.19
N SER A 240 4.76 7.38 -0.34
N SER A 240 4.75 7.39 -0.34
CA SER A 240 5.93 8.21 -0.57
CA SER A 240 5.89 8.27 -0.54
C SER A 240 6.52 8.60 0.78
C SER A 240 6.53 8.56 0.81
N GLY A 241 7.82 8.87 0.77
CA GLY A 241 8.51 9.20 1.99
C GLY A 241 9.84 9.85 1.68
N ASP A 242 10.69 9.92 2.70
CA ASP A 242 12.02 10.48 2.53
C ASP A 242 12.86 9.57 1.62
N TYR A 243 14.06 10.04 1.30
CA TYR A 243 14.96 9.35 0.37
C TYR A 243 14.26 9.07 -0.96
N GLY A 244 13.40 9.99 -1.38
CA GLY A 244 12.71 9.88 -2.65
C GLY A 244 11.92 8.60 -2.80
N THR A 245 11.48 8.03 -1.68
CA THR A 245 10.78 6.75 -1.73
C THR A 245 9.44 6.92 -2.41
N THR A 246 9.18 6.07 -3.40
CA THR A 246 8.00 6.20 -4.26
C THR A 246 7.48 4.79 -4.49
N ASN A 247 6.30 4.49 -3.94
CA ASN A 247 5.77 3.15 -3.93
C ASN A 247 4.35 3.13 -4.49
N ASP A 248 3.94 1.96 -4.97
CA ASP A 248 2.56 1.73 -5.38
C ASP A 248 2.34 0.22 -5.35
N ILE A 249 1.21 -0.20 -4.77
CA ILE A 249 0.81 -1.59 -4.78
C ILE A 249 -0.58 -1.64 -5.38
N ALA A 250 -0.82 -2.61 -6.25
CA ALA A 250 -2.04 -2.57 -7.04
C ALA A 250 -2.55 -3.97 -7.32
N VAL A 251 -3.87 -4.08 -7.45
N VAL A 251 -3.86 -4.07 -7.46
CA VAL A 251 -4.52 -5.24 -8.03
CA VAL A 251 -4.51 -5.25 -8.02
C VAL A 251 -5.12 -4.80 -9.34
C VAL A 251 -5.14 -4.82 -9.34
N ILE A 252 -4.92 -5.60 -10.39
CA ILE A 252 -5.24 -5.20 -11.75
C ILE A 252 -6.21 -6.22 -12.33
N TRP A 253 -7.33 -5.72 -12.84
CA TRP A 253 -8.29 -6.56 -13.57
C TRP A 253 -8.21 -6.21 -15.05
N PRO A 254 -7.45 -6.95 -15.85
CA PRO A 254 -7.50 -6.74 -17.30
C PRO A 254 -8.83 -7.23 -17.87
N GLN A 255 -9.25 -6.60 -18.95
CA GLN A 255 -10.49 -7.02 -19.61
C GLN A 255 -10.29 -8.39 -20.23
N GLY A 256 -11.16 -9.34 -19.86
CA GLY A 256 -11.11 -10.68 -20.41
C GLY A 256 -9.84 -11.44 -20.10
N ARG A 257 -9.40 -11.39 -18.85
CA ARG A 257 -8.15 -12.02 -18.44
C ARG A 257 -8.08 -12.05 -16.92
N ALA A 258 -7.39 -13.05 -16.40
CA ALA A 258 -7.29 -13.21 -14.95
C ALA A 258 -6.58 -12.01 -14.32
N PRO A 259 -6.97 -11.64 -13.11
CA PRO A 259 -6.36 -10.46 -12.48
C PRO A 259 -4.89 -10.68 -12.14
N LEU A 260 -4.20 -9.56 -11.97
CA LEU A 260 -2.79 -9.55 -11.59
C LEU A 260 -2.63 -8.72 -10.33
N VAL A 261 -1.59 -9.05 -9.56
CA VAL A 261 -1.16 -8.26 -8.42
C VAL A 261 0.23 -7.71 -8.73
N LEU A 262 0.40 -6.40 -8.62
CA LEU A 262 1.68 -5.76 -8.93
C LEU A 262 2.09 -4.83 -7.80
N VAL A 263 3.30 -5.05 -7.28
N VAL A 263 3.28 -5.05 -7.25
CA VAL A 263 3.90 -4.21 -6.25
CA VAL A 263 3.85 -4.16 -6.26
C VAL A 263 5.16 -3.58 -6.84
C VAL A 263 5.13 -3.57 -6.83
N THR A 264 5.27 -2.25 -6.72
CA THR A 264 6.45 -1.54 -7.20
C THR A 264 6.95 -0.64 -6.09
N TYR A 265 8.17 -0.89 -5.62
N TYR A 265 8.18 -0.89 -5.63
CA TYR A 265 8.83 -0.09 -4.60
CA TYR A 265 8.83 -0.09 -4.59
C TYR A 265 10.05 0.57 -5.20
C TYR A 265 10.07 0.56 -5.17
N PHE A 266 10.31 1.81 -4.81
CA PHE A 266 11.46 2.54 -5.33
C PHE A 266 12.00 3.49 -4.27
N THR A 267 13.31 3.50 -4.07
CA THR A 267 13.93 4.41 -3.12
C THR A 267 15.30 4.84 -3.65
N GLN A 268 15.83 5.91 -3.09
CA GLN A 268 16.95 6.63 -3.67
C GLN A 268 18.02 6.94 -2.63
N PRO A 269 19.24 7.26 -3.06
CA PRO A 269 20.34 7.45 -2.10
C PRO A 269 20.33 8.77 -1.34
N GLN A 270 19.69 9.81 -1.87
N GLN A 270 19.70 9.82 -1.85
CA GLN A 270 19.73 11.14 -1.30
CA GLN A 270 19.73 11.12 -1.19
C GLN A 270 18.52 11.35 -0.40
C GLN A 270 18.44 11.36 -0.42
N GLN A 271 18.76 11.90 0.80
N GLN A 271 18.57 11.88 0.80
CA GLN A 271 17.66 12.09 1.75
CA GLN A 271 17.41 12.01 1.69
C GLN A 271 16.59 13.03 1.21
C GLN A 271 16.33 12.88 1.06
N ASN A 272 16.97 13.95 0.33
N ASN A 272 16.72 14.00 0.45
CA ASN A 272 16.07 14.98 -0.17
CA ASN A 272 15.76 14.94 -0.12
C ASN A 272 15.67 14.75 -1.62
C ASN A 272 15.54 14.74 -1.61
N ALA A 273 15.75 13.52 -2.10
CA ALA A 273 15.46 13.22 -3.51
C ALA A 273 13.98 13.38 -3.79
N GLU A 274 13.66 13.80 -5.02
CA GLU A 274 12.28 13.99 -5.42
C GLU A 274 11.62 12.64 -5.69
N SER A 275 10.29 12.64 -5.58
CA SER A 275 9.53 11.45 -5.94
CA SER A 275 9.53 11.45 -5.94
C SER A 275 9.68 11.15 -7.41
N ARG A 276 9.62 9.86 -7.76
CA ARG A 276 9.79 9.39 -9.13
C ARG A 276 8.63 8.46 -9.48
N ARG A 277 7.42 9.01 -9.52
N ARG A 277 7.42 9.01 -9.52
CA ARG A 277 6.25 8.21 -9.89
CA ARG A 277 6.26 8.21 -9.89
C ARG A 277 6.38 7.68 -11.31
C ARG A 277 6.38 7.68 -11.31
N ASP A 278 7.15 8.37 -12.16
CA ASP A 278 7.34 7.93 -13.53
C ASP A 278 8.07 6.59 -13.59
N VAL A 279 8.94 6.32 -12.62
CA VAL A 279 9.63 5.03 -12.58
C VAL A 279 8.63 3.91 -12.36
N LEU A 280 7.65 4.13 -11.48
CA LEU A 280 6.63 3.12 -11.24
C LEU A 280 5.79 2.88 -12.49
N ALA A 281 5.40 3.95 -13.18
CA ALA A 281 4.65 3.80 -14.42
C ALA A 281 5.45 3.02 -15.46
N SER A 282 6.75 3.31 -15.57
CA SER A 282 7.58 2.62 -16.54
C SER A 282 7.72 1.13 -16.20
N ALA A 283 7.87 0.81 -14.91
CA ALA A 283 7.95 -0.59 -14.51
C ALA A 283 6.66 -1.32 -14.86
N ALA A 284 5.52 -0.70 -14.59
CA ALA A 284 4.23 -1.32 -14.94
C ALA A 284 4.14 -1.53 -16.45
N ARG A 285 4.63 -0.55 -17.23
CA ARG A 285 4.58 -0.69 -18.68
C ARG A 285 5.44 -1.85 -19.15
N ILE A 286 6.63 -2.00 -18.56
CA ILE A 286 7.51 -3.10 -18.92
C ILE A 286 6.86 -4.44 -18.60
N ILE A 287 6.20 -4.53 -17.45
CA ILE A 287 5.54 -5.76 -17.03
C ILE A 287 4.36 -6.07 -17.96
N ALA A 288 3.60 -5.04 -18.33
CA ALA A 288 2.41 -5.24 -19.16
C ALA A 288 2.74 -5.63 -20.59
N GLU A 289 3.99 -5.48 -21.03
CA GLU A 289 4.41 -5.95 -22.35
C GLU A 289 4.44 -7.47 -22.44
N GLY A 290 4.31 -8.18 -21.32
CA GLY A 290 4.30 -9.63 -21.33
C GLY A 290 2.90 -10.22 -21.22
C WPP B . 2.75 9.05 1.22
N WPP B . 3.77 11.01 2.33
O WPP B . 3.29 8.01 1.33
CA WPP B . 2.57 10.36 2.02
CB WPP B . 1.70 11.07 1.07
CAC WPP B . 4.97 14.03 3.09
CAE WPP B . 1.38 9.78 -1.12
CAF WPP B . 1.32 11.39 -1.29
CAG WPP B . 7.54 11.90 5.39
CAH WPP B . -0.09 11.94 -1.08
CAI WPP B . 1.84 11.79 -2.67
CAJ WPP B . 9.58 12.02 7.14
CAK WPP B . 4.48 10.93 3.60
CAL WPP B . 11.21 12.78 10.63
CAM WPP B . 5.80 11.70 3.66
CAN WPP B . 7.33 12.87 7.67
CAO WPP B . 0.18 9.01 -1.22
CAP WPP B . 7.93 13.16 9.09
CAQ WPP B . 9.70 12.79 10.78
CAR WPP B . 9.70 11.59 8.37
CAS WPP B . 5.69 12.90 2.71
CAT WPP B . 6.30 12.84 1.48
CAU WPP B . 6.20 13.92 0.61
CAV WPP B . 5.49 15.05 0.98
CAW WPP B . 4.88 15.10 2.22
NAY WPP B . 6.15 12.14 5.01
NAZ WPP B . 8.06 12.28 6.70
NBA WPP B . 9.08 12.57 9.48
NBB WPP B . 1.93 9.77 0.26
OBC WPP B . 4.07 10.30 4.51
OBE WPP B . -0.61 9.18 -2.19
OBF WPP B . -0.06 8.14 -0.36
OBG WPP B . 8.27 11.38 4.62
OBH WPP B . 7.38 13.91 9.82
OBI WPP B . 6.21 13.18 7.44
SBJ WPP B . 2.21 11.97 -0.22
C YPP C . 2.02 8.32 2.99
C YPP C . 1.30 9.47 3.77
N YPP C . 3.33 10.34 2.73
N YPP C . 2.97 10.92 2.77
O YPP C . 3.00 7.71 2.47
O YPP C . 0.20 8.84 3.61
CA YPP C . 1.98 9.82 2.96
CA YPP C . 1.54 10.76 3.04
CB YPP C . 0.99 10.32 1.84
CB YPP C . 0.72 10.80 1.71
NAE YPP C . 0.93 9.27 0.79
NAE YPP C . 1.02 9.59 0.92
CAG YPP C . 1.68 9.75 -0.42
CAG YPP C . 1.75 9.97 -0.34
CAH YPP C . 1.51 11.29 -0.52
CAH YPP C . 1.30 11.42 -0.75
SAI YPP C . 1.55 11.80 1.15
SAI YPP C . 1.17 12.21 0.80
CAJ YPP C . 1.15 9.08 -1.63
CAJ YPP C . 1.41 8.99 -1.41
OAK YPP C . 0.10 8.39 -1.54
OAK YPP C . 0.42 8.23 -1.28
OAL YPP C . 1.76 9.18 -2.73
OAL YPP C . 2.13 8.93 -2.45
CAM YPP C . 2.66 11.93 -1.29
CAM YPP C . 2.36 12.09 -1.61
CAN YPP C . 0.13 11.66 -1.16
CAN YPP C . -0.09 11.41 -1.46
CAP YPP C . 3.95 11.29 3.72
CAP YPP C . 3.83 11.62 3.77
OAQ YPP C . 3.35 11.64 4.67
OAQ YPP C . 3.34 12.05 4.75
CAR YPP C . 5.38 11.83 3.47
CAR YPP C . 5.33 11.80 3.52
CAS YPP C . 5.35 12.96 2.48
CAS YPP C . 5.57 12.79 2.40
CAT YPP C . 5.47 12.69 1.11
CAT YPP C . 6.07 12.34 1.17
CAU YPP C . 5.44 13.74 0.18
CAU YPP C . 6.28 13.26 0.14
CAV YPP C . 5.30 15.07 0.62
CAV YPP C . 6.01 14.62 0.34
CAW YPP C . 5.19 15.34 1.99
CAW YPP C . 5.51 15.06 1.56
CAX YPP C . 5.21 14.29 2.92
CAX YPP C . 5.30 14.15 2.61
NAY YPP C . 5.97 12.27 4.74
NAY YPP C . 5.95 12.27 4.76
CAZ YPP C . 7.37 11.92 5.06
CAZ YPP C . 7.39 11.94 5.02
OBA YPP C . 8.01 11.30 4.27
OBA YPP C . 7.99 11.31 4.24
NBB YPP C . 8.03 12.34 6.34
NBB YPP C . 8.06 12.40 6.28
CBC YPP C . 9.45 11.95 6.60
CBC YPP C . 9.49 12.05 6.52
CBD YPP C . 9.84 11.86 8.17
CBD YPP C . 9.80 11.72 8.07
NBE YPP C . 9.11 12.84 9.01
NBE YPP C . 9.04 12.57 9.01
CBF YPP C . 7.89 13.44 8.60
CBF YPP C . 7.86 13.28 8.62
OBG YPP C . 7.34 14.21 9.31
OBG YPP C . 7.29 13.96 9.41
CBH YPP C . 7.28 13.09 7.29
CBH YPP C . 7.33 13.17 7.24
OBI YPP C . 6.17 13.44 7.05
OBI YPP C . 6.32 13.70 6.94
CBJ YPP C . 9.69 13.21 10.34
CBJ YPP C . 9.54 12.71 10.42
CBK YPP C . 11.20 13.49 10.19
CBK YPP C . 11.05 12.96 10.41
OXT YPP C . 2.18 9.01 4.53
S SO4 D . 1.05 8.89 -0.55
O1 SO4 D . 0.09 10.02 -0.79
O2 SO4 D . 2.16 8.95 -1.56
O3 SO4 D . 1.61 9.00 0.83
O4 SO4 D . 0.32 7.59 -0.69
#